data_5YBR
#
_entry.id   5YBR
#
_cell.length_a   171.382
_cell.length_b   171.382
_cell.length_c   45.696
_cell.angle_alpha   90.00
_cell.angle_beta   90.00
_cell.angle_gamma   120.00
#
_symmetry.space_group_name_H-M   'P 62'
#
loop_
_entity.id
_entity.type
_entity.pdbx_description
1 polymer PrhA
2 non-polymer 'FE (III) ION'
3 non-polymer '2-OXOGLUTARIC ACID'
4 non-polymer 'preaustinoid A3'
5 water water
#
_entity_poly.entity_id   1
_entity_poly.type   'polypeptide(L)'
_entity_poly.pdbx_seq_one_letter_code
;MGSSHHHHHHSSGLVPRGSHMPPRLQRFPATASADEIFAAFQEDGCVVIEGFISPEQVARFSQEVDPAMEKIPVEVTNNG
NSNDRTKRFSKCVIASPTFRNEIIESDLMHELCDRVFSKPGEGMGYHFNDNMVIEVQPGAPAQRLHRDQELYPWWNSMGP
AGPECLINFFCAVTPFTEENGATRLVPGSHLWPEFTQINERDCPQFGKIETVPAIMQPGDCYLMSGKVIHGAGHNATTTD
RRRALALSIIRRELRPMQAFSLSVPMKLAREMSERSQTMFGFRSSVQHCDVDMVHFWGNDGKDIAHHLGLISSA
;
_entity_poly.pdbx_strand_id   A,B
#
loop_
_chem_comp.id
_chem_comp.type
_chem_comp.name
_chem_comp.formula
8T9 non-polymer 'preaustinoid A3' 'C26 H32 O7'
AKG non-polymer '2-OXOGLUTARIC ACID' 'C5 H6 O5'
FE non-polymer 'FE (III) ION' 'Fe 3'
#
# COMPACT_ATOMS: atom_id res chain seq x y z
N LEU A 14 23.00 4.21 38.16
CA LEU A 14 21.97 5.00 37.50
C LEU A 14 22.02 6.46 37.96
N VAL A 15 20.91 6.95 38.49
CA VAL A 15 20.81 8.33 38.97
C VAL A 15 20.82 8.30 40.50
N PRO A 16 21.12 9.42 41.18
CA PRO A 16 20.90 9.53 42.64
C PRO A 16 19.42 9.37 43.02
N GLY A 18 16.42 9.88 45.10
CA GLY A 18 15.09 10.41 44.77
C GLY A 18 15.12 11.32 43.57
N SER A 19 16.12 11.10 42.74
CA SER A 19 16.15 11.65 41.40
C SER A 19 15.08 10.97 40.54
N HIS A 20 14.49 11.73 39.62
CA HIS A 20 13.47 11.16 38.75
C HIS A 20 14.09 10.30 37.67
N MET A 21 13.59 9.01 37.55
CA MET A 21 14.14 8.02 36.61
C MET A 21 13.35 8.03 35.29
N PRO A 22 14.03 8.12 34.15
CA PRO A 22 13.33 8.24 32.87
C PRO A 22 12.76 6.90 32.41
N PRO A 23 12.04 6.87 31.27
CA PRO A 23 11.49 5.61 30.75
C PRO A 23 12.56 4.57 30.44
N ARG A 24 12.15 3.30 30.49
CA ARG A 24 13.05 2.17 30.25
C ARG A 24 13.11 1.88 28.75
N LEU A 25 14.33 1.85 28.23
CA LEU A 25 14.60 1.41 26.86
C LEU A 25 15.38 0.10 27.00
N GLN A 26 14.75 -1.02 26.68
CA GLN A 26 15.41 -2.30 26.89
C GLN A 26 16.49 -2.52 25.84
N ARG A 27 17.54 -3.23 26.24
CA ARG A 27 18.70 -3.51 25.42
C ARG A 27 18.96 -5.01 25.43
N PHE A 28 19.21 -5.58 24.25
CA PHE A 28 19.56 -6.98 24.01
C PHE A 28 20.74 -7.04 23.07
N PRO A 29 21.56 -8.10 23.17
CA PRO A 29 22.53 -8.38 22.11
C PRO A 29 21.88 -9.08 20.94
N ALA A 30 22.48 -8.90 19.76
CA ALA A 30 21.95 -9.54 18.55
C ALA A 30 21.93 -11.07 18.65
N THR A 31 22.57 -11.65 19.67
CA THR A 31 22.55 -13.08 19.90
C THR A 31 21.48 -13.50 20.90
N ALA A 32 20.71 -12.56 21.43
CA ALA A 32 19.53 -12.93 22.21
C ALA A 32 18.49 -13.57 21.28
N SER A 33 17.51 -14.23 21.89
CA SER A 33 16.51 -14.94 21.11
C SER A 33 15.49 -13.94 20.58
N ALA A 34 15.16 -14.07 19.30
CA ALA A 34 14.18 -13.19 18.68
C ALA A 34 12.88 -13.17 19.46
N ASP A 35 12.59 -14.18 20.27
CA ASP A 35 11.41 -14.13 21.13
C ASP A 35 11.61 -13.17 22.30
N GLU A 36 12.80 -13.18 22.92
CA GLU A 36 13.07 -12.26 24.02
C GLU A 36 13.06 -10.81 23.54
N ILE A 37 13.65 -10.58 22.36
CA ILE A 37 13.63 -9.25 21.74
C ILE A 37 12.21 -8.84 21.36
N PHE A 38 11.44 -9.76 20.78
CA PHE A 38 10.09 -9.42 20.31
C PHE A 38 9.16 -9.08 21.47
N ALA A 39 9.26 -9.83 22.58
CA ALA A 39 8.45 -9.52 23.75
C ALA A 39 8.76 -8.14 24.29
N ALA A 40 10.04 -7.76 24.29
CA ALA A 40 10.43 -6.40 24.66
C ALA A 40 9.82 -5.37 23.72
N PHE A 41 9.96 -5.61 22.41
CA PHE A 41 9.30 -4.77 21.40
C PHE A 41 7.80 -4.65 21.65
N GLN A 42 7.14 -5.75 22.02
CA GLN A 42 5.70 -5.72 22.30
C GLN A 42 5.38 -4.91 23.54
N GLU A 43 6.17 -5.08 24.60
CA GLU A 43 5.92 -4.31 25.82
C GLU A 43 6.06 -2.81 25.56
N ASP A 44 7.25 -2.38 25.11
CA ASP A 44 7.59 -0.97 25.04
C ASP A 44 7.43 -0.34 23.66
N GLY A 45 7.27 -1.14 22.60
CA GLY A 45 7.14 -0.60 21.25
C GLY A 45 8.46 -0.29 20.58
N CYS A 46 9.58 -0.51 21.25
CA CYS A 46 10.91 -0.17 20.79
C CYS A 46 11.90 -0.90 21.68
N VAL A 47 13.02 -1.29 21.09
CA VAL A 47 14.04 -2.07 21.81
C VAL A 47 15.35 -1.89 21.07
N VAL A 48 16.45 -1.82 21.83
CA VAL A 48 17.78 -1.72 21.26
C VAL A 48 18.30 -3.14 21.00
N ILE A 49 18.88 -3.35 19.82
CA ILE A 49 19.57 -4.59 19.48
C ILE A 49 21.04 -4.22 19.27
N GLU A 50 21.87 -4.52 20.26
CA GLU A 50 23.29 -4.21 20.17
C GLU A 50 23.99 -5.19 19.25
N GLY A 51 24.87 -4.67 18.41
CA GLY A 51 25.52 -5.52 17.44
C GLY A 51 24.57 -6.14 16.44
N PHE A 52 23.48 -5.44 16.12
CA PHE A 52 22.64 -5.80 14.99
C PHE A 52 23.48 -6.03 13.73
N ILE A 53 24.49 -5.20 13.55
CA ILE A 53 25.47 -5.29 12.48
C ILE A 53 26.85 -5.27 13.14
N SER A 54 27.79 -6.02 12.60
CA SER A 54 29.12 -6.01 13.21
C SER A 54 29.84 -4.70 12.93
N PRO A 55 30.73 -4.27 13.83
CA PRO A 55 31.50 -3.04 13.60
C PRO A 55 32.29 -3.06 12.30
N GLU A 56 32.74 -4.24 11.87
CA GLU A 56 33.43 -4.32 10.59
C GLU A 56 32.45 -4.17 9.44
N GLN A 57 31.23 -4.67 9.59
CA GLN A 57 30.22 -4.48 8.55
C GLN A 57 29.76 -3.03 8.48
N VAL A 58 29.49 -2.42 9.64
CA VAL A 58 28.98 -1.06 9.65
C VAL A 58 30.02 -0.10 9.07
N ALA A 59 31.31 -0.32 9.35
CA ALA A 59 32.35 0.58 8.86
C ALA A 59 32.55 0.46 7.35
N ARG A 60 32.49 -0.77 6.81
CA ARG A 60 32.55 -0.93 5.36
C ARG A 60 31.34 -0.31 4.69
N PHE A 61 30.17 -0.42 5.32
CA PHE A 61 28.98 0.22 4.76
C PHE A 61 29.17 1.74 4.73
N SER A 62 29.58 2.31 5.87
CA SER A 62 29.79 3.74 5.97
C SER A 62 30.80 4.23 4.94
N GLN A 63 31.80 3.41 4.65
CA GLN A 63 32.82 3.75 3.66
C GLN A 63 32.27 3.68 2.24
N GLU A 64 31.38 2.71 1.98
CA GLU A 64 30.86 2.53 0.63
C GLU A 64 29.83 3.59 0.25
N VAL A 65 29.09 4.14 1.22
CA VAL A 65 28.12 5.20 0.93
C VAL A 65 28.74 6.59 0.98
N ASP A 66 29.92 6.73 1.60
CA ASP A 66 30.49 8.05 1.87
C ASP A 66 30.70 8.93 0.64
N PRO A 67 31.16 8.44 -0.51
CA PRO A 67 31.19 9.30 -1.69
C PRO A 67 29.83 9.90 -1.99
N ALA A 68 28.77 9.10 -1.91
CA ALA A 68 27.44 9.64 -2.18
C ALA A 68 27.05 10.65 -1.12
N MET A 69 27.40 10.41 0.13
CA MET A 69 27.08 11.35 1.20
C MET A 69 27.81 12.68 1.01
N GLU A 70 29.09 12.64 0.61
CA GLU A 70 29.83 13.88 0.44
C GLU A 70 29.28 14.72 -0.71
N LYS A 71 28.73 14.10 -1.75
CA LYS A 71 28.18 14.84 -2.87
C LYS A 71 26.79 15.43 -2.58
N ILE A 72 26.22 15.17 -1.42
CA ILE A 72 24.89 15.65 -1.06
C ILE A 72 25.06 17.02 -0.39
N PRO A 73 24.54 18.10 -0.95
CA PRO A 73 24.64 19.39 -0.27
C PRO A 73 23.79 19.44 0.99
N VAL A 74 24.28 20.11 2.00
CA VAL A 74 23.50 20.36 3.20
C VAL A 74 22.56 21.52 2.95
N GLU A 75 21.27 21.33 3.21
CA GLU A 75 20.30 22.40 3.12
C GLU A 75 20.21 23.11 4.47
N VAL A 76 20.59 24.39 4.49
CA VAL A 76 20.42 25.27 5.63
C VAL A 76 19.29 26.23 5.30
N THR A 77 18.34 26.36 6.22
CA THR A 77 17.19 27.21 5.97
C THR A 77 16.99 28.16 7.14
N ASN A 78 16.10 29.13 6.89
CA ASN A 78 15.72 30.18 7.84
C ASN A 78 14.56 29.77 8.76
N ASN A 79 14.14 28.50 8.71
CA ASN A 79 13.07 28.03 9.58
C ASN A 79 13.65 27.24 10.77
N ASN A 81 13.14 24.52 12.17
CA ASN A 81 11.86 23.80 12.20
C ASN A 81 11.42 23.24 10.82
N SER A 82 12.31 23.28 9.83
CA SER A 82 12.01 22.76 8.50
C SER A 82 12.54 21.35 8.27
N ASN A 83 13.16 20.74 9.30
CA ASN A 83 13.89 19.46 9.22
C ASN A 83 15.16 19.60 8.36
N ASP A 84 15.93 20.64 8.67
CA ASP A 84 17.06 21.09 7.86
C ASP A 84 18.34 20.43 8.36
N ARG A 85 19.41 20.62 7.58
CA ARG A 85 20.75 20.17 7.94
C ARG A 85 20.76 18.70 8.32
N THR A 86 20.11 17.91 7.46
CA THR A 86 20.05 16.45 7.58
C THR A 86 20.20 15.89 6.17
N LYS A 87 21.26 15.14 5.93
CA LYS A 87 21.42 14.45 4.67
C LYS A 87 20.66 13.12 4.69
N ARG A 88 19.95 12.84 3.60
CA ARG A 88 19.14 11.63 3.45
C ARG A 88 19.49 11.03 2.11
N PHE A 89 19.91 9.77 2.11
CA PHE A 89 20.35 9.07 0.91
C PHE A 89 19.72 7.68 0.90
N SER A 90 19.09 7.31 -0.20
CA SER A 90 18.33 6.05 -0.24
C SER A 90 18.85 4.99 -1.20
N LYS A 91 19.85 5.27 -2.03
CA LYS A 91 20.34 4.27 -2.98
C LYS A 91 21.39 3.36 -2.36
N CYS A 92 21.09 2.81 -1.18
CA CYS A 92 22.06 1.97 -0.48
C CYS A 92 22.38 0.70 -1.26
N VAL A 93 21.38 0.09 -1.91
CA VAL A 93 21.61 -1.16 -2.63
C VAL A 93 22.61 -0.95 -3.76
N ILE A 94 22.46 0.15 -4.50
CA ILE A 94 23.31 0.41 -5.66
C ILE A 94 24.74 0.71 -5.21
N ALA A 95 24.89 1.44 -4.12
CA ALA A 95 26.19 1.97 -3.72
C ALA A 95 27.00 1.03 -2.83
N SER A 96 26.38 0.03 -2.22
CA SER A 96 27.04 -0.73 -1.14
C SER A 96 26.89 -2.23 -1.32
N PRO A 97 27.99 -2.94 -1.64
CA PRO A 97 27.94 -4.41 -1.61
C PRO A 97 27.71 -4.98 -0.23
N THR A 98 28.25 -4.34 0.80
CA THR A 98 28.03 -4.79 2.18
C THR A 98 26.55 -4.77 2.54
N PHE A 99 25.86 -3.67 2.19
CA PHE A 99 24.45 -3.56 2.49
C PHE A 99 23.66 -4.65 1.80
N ARG A 100 23.81 -4.78 0.47
CA ARG A 100 22.96 -5.68 -0.26
C ARG A 100 23.31 -7.15 -0.03
N ASN A 101 24.59 -7.46 0.22
CA ASN A 101 25.03 -8.84 0.39
C ASN A 101 24.94 -9.33 1.83
N GLU A 102 24.96 -8.43 2.81
CA GLU A 102 25.06 -8.86 4.19
C GLU A 102 23.99 -8.22 5.07
N ILE A 103 23.82 -6.90 4.96
CA ILE A 103 22.97 -6.22 5.93
C ILE A 103 21.50 -6.59 5.72
N ILE A 104 21.03 -6.60 4.47
CA ILE A 104 19.64 -6.98 4.25
C ILE A 104 19.41 -8.48 4.43
N GLU A 105 20.46 -9.26 4.70
CA GLU A 105 20.33 -10.69 4.94
C GLU A 105 20.33 -11.04 6.41
N SER A 106 20.12 -10.08 7.29
CA SER A 106 20.06 -10.37 8.71
C SER A 106 18.91 -11.31 8.98
N ASP A 107 19.22 -12.52 9.46
CA ASP A 107 18.17 -13.46 9.81
C ASP A 107 17.38 -12.98 11.01
N LEU A 108 18.03 -12.28 11.94
CA LEU A 108 17.29 -11.71 13.07
C LEU A 108 16.32 -10.63 12.61
N MET A 109 16.69 -9.88 11.56
CA MET A 109 15.75 -8.90 11.01
C MET A 109 14.51 -9.58 10.48
N HIS A 110 14.68 -10.67 9.74
CA HIS A 110 13.56 -11.37 9.13
C HIS A 110 12.78 -12.19 10.16
N GLU A 111 13.45 -12.78 11.15
CA GLU A 111 12.75 -13.42 12.26
C GLU A 111 11.74 -12.47 12.91
N LEU A 112 12.18 -11.24 13.21
CA LEU A 112 11.31 -10.27 13.89
C LEU A 112 10.22 -9.75 12.97
N CYS A 113 10.56 -9.47 11.71
CA CYS A 113 9.56 -9.03 10.74
C CYS A 113 8.43 -10.05 10.60
N ASP A 114 8.76 -11.34 10.50
CA ASP A 114 7.74 -12.39 10.42
C ASP A 114 6.82 -12.35 11.63
N ARG A 115 7.40 -12.28 12.84
CA ARG A 115 6.58 -12.25 14.05
C ARG A 115 5.67 -11.03 14.12
N VAL A 116 6.00 -9.98 13.39
CA VAL A 116 5.17 -8.78 13.33
C VAL A 116 4.12 -8.87 12.23
N PHE A 117 4.52 -9.33 11.03
CA PHE A 117 3.76 -9.09 9.82
C PHE A 117 3.18 -10.33 9.15
N SER A 118 3.81 -11.51 9.31
CA SER A 118 3.52 -12.64 8.43
C SER A 118 2.38 -13.52 8.95
N LYS A 119 1.38 -13.76 8.08
CA LYS A 119 0.19 -14.53 8.41
C LYS A 119 0.41 -16.02 8.14
N PRO A 120 -0.39 -16.87 8.78
CA PRO A 120 -0.27 -18.31 8.54
C PRO A 120 -0.63 -18.65 7.09
N GLY A 121 0.28 -19.36 6.44
CA GLY A 121 0.01 -19.86 5.10
C GLY A 121 0.09 -18.85 3.98
N GLU A 122 0.79 -17.72 4.18
CA GLU A 122 0.93 -16.69 3.16
C GLU A 122 2.37 -16.36 2.82
N GLY A 123 3.34 -16.84 3.58
CA GLY A 123 4.67 -16.32 3.30
C GLY A 123 4.82 -14.87 3.77
N MET A 124 5.71 -14.15 3.10
CA MET A 124 6.24 -12.91 3.65
C MET A 124 5.16 -11.81 3.67
N GLY A 125 4.83 -11.33 4.85
CA GLY A 125 3.85 -10.29 4.98
C GLY A 125 4.38 -8.88 4.94
N TYR A 126 5.62 -8.67 4.52
CA TYR A 126 6.27 -7.37 4.64
C TYR A 126 7.17 -7.15 3.45
N HIS A 127 7.64 -5.91 3.30
CA HIS A 127 8.67 -5.58 2.32
C HIS A 127 9.26 -4.22 2.70
N PHE A 128 10.22 -3.75 1.91
CA PHE A 128 10.91 -2.50 2.19
C PHE A 128 10.08 -1.28 1.83
N ASN A 129 9.96 -0.37 2.79
CA ASN A 129 9.50 0.98 2.47
C ASN A 129 10.67 1.85 2.00
N ASP A 130 11.79 1.83 2.74
CA ASP A 130 12.92 2.67 2.42
C ASP A 130 14.19 2.04 2.96
N ASN A 131 15.34 2.43 2.40
CA ASN A 131 16.67 2.14 2.94
C ASN A 131 17.42 3.46 3.00
N MET A 132 17.38 4.17 4.11
CA MET A 132 17.81 5.57 4.10
C MET A 132 18.97 5.82 5.06
N VAL A 133 20.10 6.25 4.51
CA VAL A 133 21.13 6.88 5.33
C VAL A 133 20.64 8.27 5.73
N ILE A 134 20.56 8.52 7.04
CA ILE A 134 20.15 9.81 7.59
C ILE A 134 21.31 10.33 8.44
N GLU A 135 21.96 11.40 7.98
CA GLU A 135 23.12 11.97 8.67
C GLU A 135 22.78 13.36 9.23
N VAL A 136 22.65 13.46 10.55
CA VAL A 136 22.24 14.69 11.21
C VAL A 136 23.46 15.58 11.40
N GLN A 137 23.50 16.71 10.69
CA GLN A 137 24.66 17.58 10.66
C GLN A 137 24.83 18.31 11.98
N PRO A 138 26.03 18.81 12.25
CA PRO A 138 26.24 19.58 13.48
C PRO A 138 25.37 20.82 13.50
N GLY A 139 24.67 21.00 14.63
CA GLY A 139 23.80 22.12 14.83
C GLY A 139 22.38 21.90 14.36
N ALA A 140 22.10 20.80 13.65
CA ALA A 140 20.78 20.58 13.09
C ALA A 140 19.71 20.64 14.17
N PRO A 141 18.59 21.29 13.91
CA PRO A 141 17.52 21.35 14.92
C PRO A 141 16.84 20.01 15.12
N ALA A 142 16.26 19.84 16.32
CA ALA A 142 15.47 18.65 16.66
C ALA A 142 14.24 18.52 15.77
N GLN A 143 13.85 17.27 15.49
CA GLN A 143 12.70 16.94 14.67
C GLN A 143 11.41 17.03 15.50
N ARG A 144 10.31 17.36 14.84
CA ARG A 144 9.02 17.29 15.50
C ARG A 144 8.75 15.87 16.01
N LEU A 145 8.17 15.73 17.20
CA LEU A 145 7.72 14.43 17.66
C LEU A 145 6.66 13.87 16.71
N HIS A 146 6.80 12.59 16.33
CA HIS A 146 5.86 11.99 15.39
C HIS A 146 5.82 10.47 15.58
N ARG A 147 4.77 9.87 15.03
CA ARG A 147 4.73 8.44 14.79
C ARG A 147 4.98 8.21 13.31
N ASP A 148 5.79 7.18 12.99
CA ASP A 148 6.11 6.92 11.58
C ASP A 148 4.90 6.43 10.77
N GLN A 149 3.88 5.90 11.42
CA GLN A 149 2.68 5.50 10.69
C GLN A 149 1.82 6.68 10.27
N GLU A 150 2.18 7.90 10.70
CA GLU A 150 1.60 9.10 10.10
C GLU A 150 1.85 9.16 8.61
N LEU A 151 2.85 8.42 8.11
CA LEU A 151 3.02 8.26 6.69
C LEU A 151 1.76 7.69 6.02
N TYR A 152 1.00 6.87 6.74
CA TYR A 152 -0.24 6.26 6.26
C TYR A 152 -1.35 6.90 7.07
N PRO A 153 -1.93 8.00 6.60
CA PRO A 153 -2.60 8.97 7.49
C PRO A 153 -3.80 8.43 8.25
N TRP A 154 -4.50 7.42 7.71
CA TRP A 154 -5.62 6.79 8.39
C TRP A 154 -5.20 5.92 9.56
N TRP A 155 -3.90 5.63 9.72
CA TRP A 155 -3.53 4.55 10.64
C TRP A 155 -3.78 4.91 12.10
N ASN A 156 -3.48 6.16 12.49
CA ASN A 156 -3.67 6.56 13.89
C ASN A 156 -5.11 6.36 14.34
N SER A 157 -6.06 6.42 13.39
CA SER A 157 -7.46 6.36 13.76
C SER A 157 -7.88 4.98 14.28
N MET A 158 -7.10 3.93 14.00
CA MET A 158 -7.38 2.61 14.57
C MET A 158 -6.85 2.47 15.98
N GLY A 159 -6.08 3.43 16.47
CA GLY A 159 -5.61 3.41 17.83
C GLY A 159 -4.61 2.31 18.10
N PRO A 160 -4.41 2.03 19.40
CA PRO A 160 -3.47 0.96 19.78
C PRO A 160 -3.94 -0.44 19.44
N ALA A 161 -5.25 -0.67 19.27
CA ALA A 161 -5.73 -1.97 18.82
C ALA A 161 -5.43 -2.24 17.37
N GLY A 162 -5.11 -1.19 16.60
CA GLY A 162 -4.82 -1.33 15.20
C GLY A 162 -3.65 -2.27 14.94
N PRO A 163 -3.66 -2.92 13.79
CA PRO A 163 -2.50 -3.72 13.38
C PRO A 163 -1.27 -2.85 13.13
N GLU A 164 -0.11 -3.49 13.10
CA GLU A 164 1.12 -2.79 12.76
C GLU A 164 1.14 -2.49 11.28
N CYS A 165 1.49 -1.26 10.89
CA CYS A 165 1.74 -1.02 9.48
C CYS A 165 3.20 -0.92 9.09
N LEU A 166 4.11 -0.64 10.03
CA LEU A 166 5.48 -0.25 9.72
C LEU A 166 6.36 -0.47 10.94
N ILE A 167 7.54 -1.04 10.73
CA ILE A 167 8.57 -1.08 11.76
C ILE A 167 9.87 -0.56 11.17
N ASN A 168 10.74 -0.10 12.04
CA ASN A 168 11.97 0.58 11.66
C ASN A 168 13.12 -0.08 12.39
N PHE A 169 14.13 -0.53 11.64
CA PHE A 169 15.41 -0.95 12.21
C PHE A 169 16.35 0.21 11.99
N PHE A 170 16.49 1.06 13.01
CA PHE A 170 17.24 2.30 12.91
C PHE A 170 18.62 2.07 13.48
N CYS A 171 19.60 1.96 12.61
CA CYS A 171 20.93 1.51 12.99
C CYS A 171 21.87 2.70 13.18
N ALA A 172 22.72 2.62 14.20
CA ALA A 172 23.80 3.58 14.35
C ALA A 172 24.93 3.22 13.38
N VAL A 173 25.26 4.15 12.50
CA VAL A 173 26.48 4.02 11.72
C VAL A 173 27.65 4.67 12.42
N THR A 174 27.49 5.90 12.91
CA THR A 174 28.38 6.54 13.86
C THR A 174 27.70 6.59 15.22
N PRO A 175 28.45 6.78 16.30
CA PRO A 175 27.82 6.74 17.63
C PRO A 175 26.64 7.71 17.74
N PHE A 176 25.60 7.24 18.42
CA PHE A 176 24.46 8.06 18.82
C PHE A 176 24.70 8.48 20.26
N THR A 177 24.75 9.80 20.49
CA THR A 177 24.88 10.36 21.85
C THR A 177 23.74 11.33 22.12
N GLU A 178 23.58 11.70 23.39
CA GLU A 178 22.57 12.69 23.71
C GLU A 178 22.91 14.07 23.13
N GLU A 179 24.19 14.33 22.85
CA GLU A 179 24.63 15.64 22.39
C GLU A 179 24.52 15.78 20.88
N ASN A 180 24.85 14.72 20.11
CA ASN A 180 24.87 14.76 18.65
C ASN A 180 23.53 14.43 18.00
N GLY A 181 22.47 14.23 18.75
CA GLY A 181 21.15 14.09 18.19
C GLY A 181 20.59 12.69 18.07
N ALA A 182 21.02 11.75 18.93
CA ALA A 182 20.36 10.45 19.03
C ALA A 182 18.85 10.63 19.14
N THR A 183 18.10 9.76 18.48
CA THR A 183 16.64 9.87 18.46
C THR A 183 16.04 9.90 19.85
N ARG A 184 15.02 10.75 20.02
CA ARG A 184 14.25 10.77 21.25
C ARG A 184 13.01 9.90 21.03
N LEU A 185 12.83 8.89 21.88
CA LEU A 185 11.74 7.94 21.76
C LEU A 185 10.84 8.04 22.97
N VAL A 186 9.57 7.69 22.79
CA VAL A 186 8.61 7.69 23.89
C VAL A 186 8.11 6.26 24.10
N PRO A 187 8.77 5.45 24.94
CA PRO A 187 8.34 4.06 25.12
C PRO A 187 6.91 3.97 25.66
N GLY A 188 6.19 2.95 25.19
CA GLY A 188 4.81 2.78 25.60
C GLY A 188 3.84 3.79 25.05
N SER A 189 4.24 4.61 24.08
CA SER A 189 3.26 5.46 23.42
C SER A 189 2.49 4.72 22.33
N HIS A 190 2.88 3.48 22.03
CA HIS A 190 2.08 2.61 21.17
C HIS A 190 0.84 2.10 21.88
N LEU A 191 0.67 2.47 23.16
CA LEU A 191 -0.43 1.99 23.99
C LEU A 191 -1.32 3.12 24.53
N TRP A 192 -1.00 4.38 24.25
CA TRP A 192 -1.93 5.47 24.56
C TRP A 192 -3.27 5.20 23.85
N PRO A 193 -4.39 5.57 24.48
CA PRO A 193 -5.70 5.19 23.94
C PRO A 193 -6.14 5.96 22.71
N GLU A 194 -5.62 7.17 22.48
CA GLU A 194 -5.97 7.96 21.31
C GLU A 194 -4.69 8.37 20.61
N PHE A 195 -4.57 8.05 19.33
CA PHE A 195 -3.41 8.41 18.53
C PHE A 195 -3.78 9.68 17.78
N THR A 196 -3.14 10.78 18.14
CA THR A 196 -3.30 12.04 17.42
C THR A 196 -1.94 12.45 16.90
N GLN A 197 -1.95 13.37 15.94
CA GLN A 197 -0.75 14.12 15.66
C GLN A 197 -0.27 14.83 16.93
N ILE A 198 1.04 15.01 17.03
CA ILE A 198 1.60 15.67 18.20
C ILE A 198 1.72 17.15 17.92
N ASN A 199 0.62 17.89 18.10
CA ASN A 199 0.62 19.34 17.95
C ASN A 199 -0.22 19.97 19.06
N GLU A 200 -0.15 21.31 19.14
CA GLU A 200 -0.84 22.01 20.22
C GLU A 200 -2.35 21.84 20.11
N ARG A 201 -2.89 21.94 18.89
CA ARG A 201 -4.33 21.79 18.69
C ARG A 201 -4.81 20.40 19.09
N ASP A 202 -4.11 19.36 18.63
CA ASP A 202 -4.64 17.99 18.76
C ASP A 202 -4.09 17.21 19.94
N CYS A 203 -2.88 17.50 20.42
CA CYS A 203 -2.31 16.65 21.45
C CYS A 203 -2.41 17.33 22.80
N PRO A 204 -3.05 16.72 23.78
CA PRO A 204 -3.24 17.38 25.08
C PRO A 204 -2.02 17.28 25.98
N GLN A 205 -1.23 16.22 25.83
CA GLN A 205 0.04 16.15 26.54
C GLN A 205 1.11 16.98 25.88
N PHE A 206 0.78 17.74 24.84
CA PHE A 206 1.79 18.53 24.12
C PHE A 206 2.66 19.33 25.10
N GLY A 207 3.97 19.33 24.84
CA GLY A 207 4.95 19.95 25.70
C GLY A 207 5.23 19.22 26.99
N LYS A 208 4.41 18.23 27.35
CA LYS A 208 4.57 17.50 28.60
C LYS A 208 5.09 16.09 28.38
N ILE A 209 5.64 15.80 27.20
CA ILE A 209 5.93 14.44 26.77
C ILE A 209 7.38 14.10 27.06
N GLU A 210 7.59 13.00 27.78
CA GLU A 210 8.91 12.64 28.25
C GLU A 210 9.52 11.61 27.29
N THR A 211 10.61 12.01 26.63
CA THR A 211 11.35 11.18 25.70
C THR A 211 12.60 10.61 26.39
N VAL A 212 13.32 9.75 25.65
CA VAL A 212 14.54 9.08 26.11
C VAL A 212 15.46 8.89 24.91
N PRO A 213 16.73 9.30 24.99
CA PRO A 213 17.61 9.14 23.82
C PRO A 213 17.97 7.67 23.59
N ALA A 214 18.21 7.35 22.33
CA ALA A 214 18.70 6.03 21.92
C ALA A 214 20.21 6.12 21.84
N ILE A 215 20.87 5.90 22.97
CA ILE A 215 22.33 5.89 23.02
C ILE A 215 22.81 4.56 22.46
N MET A 216 23.62 4.62 21.40
CA MET A 216 24.01 3.43 20.67
C MET A 216 25.43 3.61 20.14
N GLN A 217 26.12 2.50 19.94
CA GLN A 217 27.40 2.44 19.27
C GLN A 217 27.21 1.96 17.84
N PRO A 218 28.24 2.09 16.98
CA PRO A 218 28.05 1.68 15.58
C PRO A 218 27.72 0.20 15.44
N GLY A 219 26.67 -0.09 14.67
CA GLY A 219 26.15 -1.42 14.53
C GLY A 219 24.97 -1.75 15.42
N ASP A 220 24.78 -1.01 16.51
CA ASP A 220 23.52 -1.14 17.26
C ASP A 220 22.34 -0.70 16.38
N CYS A 221 21.16 -1.33 16.60
CA CYS A 221 19.88 -0.92 16.02
C CYS A 221 18.96 -0.62 17.17
N TYR A 222 17.95 0.20 16.92
CA TYR A 222 16.74 0.03 17.69
C TYR A 222 15.66 -0.40 16.72
N LEU A 223 14.80 -1.28 17.20
CA LEU A 223 13.62 -1.70 16.46
C LEU A 223 12.45 -0.90 17.02
N MET A 224 11.68 -0.26 16.15
CA MET A 224 10.63 0.62 16.63
C MET A 224 9.37 0.45 15.80
N SER A 225 8.24 0.40 16.51
CA SER A 225 6.94 0.30 15.89
C SER A 225 6.54 1.65 15.28
N GLY A 226 5.71 1.60 14.24
CA GLY A 226 5.13 2.82 13.71
C GLY A 226 4.21 3.54 14.67
N LYS A 227 3.90 2.93 15.80
CA LYS A 227 3.01 3.51 16.79
C LYS A 227 3.71 4.32 17.86
N VAL A 228 5.04 4.39 17.84
CA VAL A 228 5.83 4.97 18.91
C VAL A 228 6.17 6.41 18.55
N ILE A 229 5.81 7.34 19.45
CA ILE A 229 6.17 8.74 19.27
C ILE A 229 7.66 8.90 19.40
N HIS A 230 8.26 9.70 18.53
CA HIS A 230 9.69 9.84 18.54
C HIS A 230 10.05 11.05 17.71
N GLY A 231 11.32 11.44 17.76
CA GLY A 231 11.86 12.47 16.91
C GLY A 231 13.36 12.59 17.03
N ALA A 232 14.05 12.88 15.93
CA ALA A 232 15.49 13.12 15.98
C ALA A 232 15.80 14.26 16.95
N GLY A 233 16.88 14.12 17.68
CA GLY A 233 17.25 15.15 18.62
C GLY A 233 18.06 16.26 17.96
N HIS A 234 18.19 17.34 18.69
CA HIS A 234 19.05 18.45 18.27
C HIS A 234 20.51 18.03 18.33
N ASN A 235 21.25 18.26 17.25
CA ASN A 235 22.70 17.98 17.24
C ASN A 235 23.44 19.21 17.80
N ALA A 236 23.83 19.12 19.07
CA ALA A 236 24.45 20.23 19.80
C ALA A 236 25.96 20.28 19.64
N THR A 237 26.56 19.43 18.82
CA THR A 237 27.99 19.45 18.63
C THR A 237 28.37 20.36 17.47
N THR A 238 29.68 20.53 17.27
CA THR A 238 30.20 21.34 16.19
C THR A 238 30.93 20.53 15.13
N THR A 239 31.32 19.28 15.43
CA THR A 239 32.12 18.44 14.54
C THR A 239 31.44 17.15 14.11
N ASP A 240 30.34 16.76 14.74
CA ASP A 240 29.87 15.37 14.72
C ASP A 240 28.73 15.24 13.70
N ARG A 241 29.02 14.58 12.58
CA ARG A 241 28.02 14.26 11.56
C ARG A 241 27.46 12.87 11.91
N ARG A 242 26.23 12.86 12.45
CA ARG A 242 25.63 11.69 13.11
C ARG A 242 24.87 10.81 12.10
N ARG A 243 25.53 9.74 11.68
CA ARG A 243 25.08 8.93 10.56
C ARG A 243 24.22 7.74 11.02
N ALA A 244 23.05 7.59 10.42
CA ALA A 244 22.16 6.48 10.71
C ALA A 244 21.83 5.71 9.43
N LEU A 245 21.38 4.47 9.58
CA LEU A 245 20.80 3.67 8.50
C LEU A 245 19.41 3.24 8.92
N ALA A 246 18.39 3.74 8.23
CA ALA A 246 17.00 3.44 8.53
C ALA A 246 16.54 2.34 7.59
N LEU A 247 16.23 1.17 8.15
CA LEU A 247 15.60 0.08 7.38
C LEU A 247 14.10 0.10 7.69
N SER A 248 13.33 0.74 6.82
CA SER A 248 11.92 0.95 7.03
C SER A 248 11.14 -0.17 6.33
N ILE A 249 10.30 -0.87 7.08
CA ILE A 249 9.69 -2.10 6.60
C ILE A 249 8.20 -2.04 6.87
N ILE A 250 7.42 -2.25 5.80
CA ILE A 250 5.98 -2.08 5.79
C ILE A 250 5.33 -3.41 5.41
N ARG A 251 4.02 -3.52 5.66
CA ARG A 251 3.31 -4.72 5.23
C ARG A 251 3.03 -4.69 3.73
N ARG A 252 2.81 -5.90 3.18
CA ARG A 252 2.83 -6.10 1.74
C ARG A 252 1.77 -5.29 1.02
N GLU A 253 0.67 -4.97 1.68
CA GLU A 253 -0.39 -4.20 1.01
C GLU A 253 -0.12 -2.70 0.99
N LEU A 254 1.00 -2.22 1.53
CA LEU A 254 1.24 -0.78 1.57
C LEU A 254 2.28 -0.37 0.53
N ARG A 255 2.14 0.86 0.03
CA ARG A 255 3.06 1.38 -0.98
C ARG A 255 4.38 1.81 -0.36
N PRO A 256 5.50 1.45 -0.98
CA PRO A 256 6.79 1.97 -0.52
C PRO A 256 7.04 3.42 -0.96
N MET A 257 7.82 4.12 -0.15
CA MET A 257 8.32 5.44 -0.53
C MET A 257 9.23 5.37 -1.75
N GLN A 258 10.06 4.35 -1.81
CA GLN A 258 11.01 4.18 -2.90
C GLN A 258 10.49 3.15 -3.90
N ALA A 259 10.60 3.47 -5.19
CA ALA A 259 10.35 2.53 -6.28
C ALA A 259 11.61 1.70 -6.57
N PHE A 260 11.94 0.80 -5.64
CA PHE A 260 13.19 0.04 -5.76
C PHE A 260 13.19 -0.86 -7.00
N SER A 261 12.06 -1.46 -7.36
CA SER A 261 12.07 -2.33 -8.53
C SER A 261 12.32 -1.57 -9.83
N LEU A 262 12.27 -0.24 -9.81
CA LEU A 262 12.50 0.56 -11.01
C LEU A 262 13.81 1.32 -11.00
N SER A 263 14.45 1.50 -9.84
CA SER A 263 15.77 2.13 -9.84
C SER A 263 16.92 1.15 -9.59
N VAL A 264 16.68 0.10 -8.82
CA VAL A 264 17.71 -0.93 -8.60
C VAL A 264 17.89 -1.72 -9.89
N PRO A 265 19.14 -1.90 -10.36
CA PRO A 265 19.35 -2.60 -11.64
C PRO A 265 19.08 -4.10 -11.55
N MET A 266 18.68 -4.67 -12.70
CA MET A 266 18.35 -6.10 -12.73
C MET A 266 19.56 -6.97 -12.40
N LYS A 267 20.76 -6.54 -12.81
CA LYS A 267 21.98 -7.27 -12.48
C LYS A 267 22.10 -7.44 -10.97
N LEU A 268 21.73 -6.42 -10.21
CA LEU A 268 21.68 -6.55 -8.75
C LEU A 268 20.50 -7.38 -8.31
N ALA A 269 19.35 -7.27 -8.99
CA ALA A 269 18.20 -8.11 -8.66
C ALA A 269 18.53 -9.58 -8.77
N ARG A 270 19.22 -9.99 -9.85
CA ARG A 270 19.49 -11.41 -10.07
C ARG A 270 20.47 -12.01 -9.04
N GLU A 271 21.29 -11.18 -8.39
CA GLU A 271 22.19 -11.66 -7.35
C GLU A 271 21.55 -11.73 -5.98
N MET A 272 20.29 -11.32 -5.84
CA MET A 272 19.60 -11.27 -4.56
C MET A 272 18.97 -12.61 -4.22
N SER A 273 18.95 -12.93 -2.94
CA SER A 273 18.19 -14.07 -2.49
C SER A 273 16.72 -13.84 -2.82
N GLU A 274 15.94 -14.93 -2.78
CA GLU A 274 14.52 -14.81 -3.12
C GLU A 274 13.81 -13.90 -2.15
N ARG A 275 14.18 -13.93 -0.87
CA ARG A 275 13.52 -13.05 0.09
C ARG A 275 13.97 -11.61 -0.08
N SER A 276 15.20 -11.36 -0.56
CA SER A 276 15.60 -10.00 -0.88
C SER A 276 14.84 -9.46 -2.09
N GLN A 277 14.65 -10.31 -3.11
CA GLN A 277 13.84 -9.91 -4.25
C GLN A 277 12.42 -9.53 -3.81
N THR A 278 11.83 -10.30 -2.91
CA THR A 278 10.50 -9.97 -2.41
C THR A 278 10.49 -8.61 -1.72
N MET A 279 11.53 -8.31 -0.92
CA MET A 279 11.65 -7.04 -0.21
C MET A 279 11.60 -5.85 -1.17
N PHE A 280 12.22 -5.99 -2.33
CA PHE A 280 12.35 -4.88 -3.26
C PHE A 280 11.33 -4.94 -4.39
N GLY A 281 10.42 -5.91 -4.36
CA GLY A 281 9.38 -5.92 -5.37
C GLY A 281 9.78 -6.55 -6.69
N PHE A 282 10.87 -7.31 -6.73
CA PHE A 282 11.22 -8.13 -7.88
C PHE A 282 10.50 -9.48 -7.85
N ARG A 283 9.71 -9.74 -6.80
CA ARG A 283 9.02 -11.01 -6.64
C ARG A 283 7.78 -10.74 -5.79
N SER A 284 6.72 -11.48 -6.07
CA SER A 284 5.42 -11.29 -5.44
C SER A 284 5.30 -12.11 -4.15
N SER A 285 4.20 -11.87 -3.42
CA SER A 285 3.85 -12.57 -2.19
C SER A 285 2.38 -12.96 -2.24
N VAL A 286 2.08 -14.21 -1.84
CA VAL A 286 0.73 -14.77 -1.99
C VAL A 286 -0.09 -14.43 -0.76
N GLN A 287 -1.20 -13.73 -0.97
CA GLN A 287 -2.11 -13.35 0.09
C GLN A 287 -3.38 -14.19 -0.02
N HIS A 288 -3.92 -14.61 1.13
CA HIS A 288 -5.14 -15.39 1.20
C HIS A 288 -6.25 -14.56 1.81
N CYS A 289 -7.40 -14.53 1.14
CA CYS A 289 -8.57 -13.81 1.65
C CYS A 289 -9.69 -14.75 2.09
N VAL A 291 -11.10 -17.78 1.22
CA VAL A 291 -11.45 -18.72 0.16
C VAL A 291 -10.49 -18.55 -1.01
N ASP A 292 -10.09 -17.31 -1.28
CA ASP A 292 -9.33 -16.95 -2.47
C ASP A 292 -7.87 -16.67 -2.14
N MET A 293 -7.03 -16.76 -3.17
CA MET A 293 -5.59 -16.45 -3.10
C MET A 293 -5.25 -15.47 -4.21
N VAL A 294 -4.36 -14.52 -3.93
CA VAL A 294 -3.94 -13.51 -4.90
C VAL A 294 -2.47 -13.19 -4.68
N HIS A 295 -1.64 -13.46 -5.69
CA HIS A 295 -0.27 -12.92 -5.75
C HIS A 295 -0.30 -11.40 -5.65
N PHE A 296 0.03 -10.82 -4.48
CA PHE A 296 0.08 -9.37 -4.39
C PHE A 296 1.29 -8.84 -5.15
N TRP A 297 1.08 -7.74 -5.88
CA TRP A 297 2.11 -7.16 -6.74
C TRP A 297 2.54 -8.21 -7.77
N GLY A 298 1.54 -8.66 -8.52
CA GLY A 298 1.72 -9.79 -9.41
C GLY A 298 1.54 -9.44 -10.87
N ASN A 299 1.51 -10.46 -11.72
CA ASN A 299 1.44 -10.30 -13.17
C ASN A 299 0.37 -11.25 -13.68
N ASP A 300 -0.89 -10.81 -13.65
CA ASP A 300 -1.99 -11.49 -14.30
C ASP A 300 -2.05 -12.97 -13.90
N GLY A 301 -1.82 -13.24 -12.62
CA GLY A 301 -1.98 -14.57 -12.08
C GLY A 301 -0.69 -15.28 -11.72
N LYS A 302 0.47 -14.76 -12.13
CA LYS A 302 1.74 -15.41 -11.90
C LYS A 302 2.64 -14.48 -11.10
N ASP A 303 3.69 -15.05 -10.53
CA ASP A 303 4.68 -14.25 -9.86
C ASP A 303 5.31 -13.28 -10.86
N ILE A 304 5.51 -12.03 -10.44
CA ILE A 304 6.22 -11.07 -11.30
C ILE A 304 7.63 -11.58 -11.60
N ALA A 305 8.21 -12.42 -10.73
CA ALA A 305 9.56 -12.92 -10.95
C ALA A 305 9.67 -13.74 -12.23
N HIS A 306 8.55 -14.29 -12.73
CA HIS A 306 8.57 -15.01 -14.00
C HIS A 306 8.90 -14.05 -15.15
N HIS A 307 8.03 -13.06 -15.38
CA HIS A 307 8.32 -12.06 -16.42
C HIS A 307 9.69 -11.39 -16.27
N LEU A 308 10.27 -11.36 -15.07
CA LEU A 308 11.59 -10.76 -14.88
C LEU A 308 12.73 -11.74 -15.09
N GLY A 309 12.45 -13.04 -15.15
CA GLY A 309 13.49 -14.01 -15.40
C GLY A 309 14.24 -14.44 -14.17
N LEU A 310 13.65 -14.28 -12.99
CA LEU A 310 14.32 -14.62 -11.76
C LEU A 310 14.02 -16.04 -11.29
N ILE A 311 13.48 -16.88 -12.19
CA ILE A 311 13.01 -18.25 -11.90
C ILE A 311 11.79 -18.19 -10.99
N LEU B 14 -42.60 3.97 -8.32
CA LEU B 14 -41.42 3.14 -8.58
C LEU B 14 -41.65 1.68 -8.14
N VAL B 15 -42.18 1.52 -6.93
CA VAL B 15 -42.71 0.25 -6.45
C VAL B 15 -44.22 0.43 -6.31
N PRO B 16 -45.03 -0.62 -6.49
CA PRO B 16 -46.45 -0.50 -6.17
C PRO B 16 -46.64 0.04 -4.75
N ARG B 17 -47.52 1.04 -4.64
CA ARG B 17 -47.81 1.64 -3.35
C ARG B 17 -48.07 0.57 -2.30
N GLY B 18 -47.38 0.68 -1.17
CA GLY B 18 -47.48 -0.27 -0.08
C GLY B 18 -46.38 -1.33 -0.06
N SER B 19 -45.66 -1.50 -1.17
CA SER B 19 -44.65 -2.54 -1.29
C SER B 19 -43.43 -2.20 -0.43
N HIS B 20 -42.65 -3.24 -0.12
CA HIS B 20 -41.31 -3.01 0.42
C HIS B 20 -40.44 -2.37 -0.64
N MET B 21 -39.92 -1.17 -0.36
CA MET B 21 -39.05 -0.51 -1.32
C MET B 21 -37.67 -1.17 -1.29
N PRO B 22 -37.07 -1.41 -2.46
CA PRO B 22 -35.74 -2.06 -2.48
C PRO B 22 -34.64 -1.02 -2.40
N PRO B 23 -33.43 -1.43 -2.01
CA PRO B 23 -32.33 -0.45 -1.83
C PRO B 23 -32.09 0.37 -3.10
N ARG B 24 -31.93 1.69 -2.91
CA ARG B 24 -31.87 2.64 -4.02
C ARG B 24 -30.57 2.48 -4.81
N LEU B 25 -30.68 2.31 -6.14
CA LEU B 25 -29.53 2.17 -7.01
C LEU B 25 -29.61 3.19 -8.14
N GLN B 26 -29.15 4.42 -7.89
CA GLN B 26 -29.33 5.51 -8.83
C GLN B 26 -28.56 5.25 -10.12
N ARG B 27 -28.93 6.00 -11.16
CA ARG B 27 -28.39 5.82 -12.52
C ARG B 27 -28.26 7.19 -13.16
N PHE B 28 -27.06 7.53 -13.61
CA PHE B 28 -26.76 8.80 -14.25
C PHE B 28 -26.25 8.57 -15.67
N PRO B 29 -26.37 9.57 -16.54
CA PRO B 29 -25.81 9.45 -17.88
C PRO B 29 -24.35 9.86 -17.88
N ALA B 30 -23.56 9.22 -18.75
CA ALA B 30 -22.12 9.47 -18.75
C ALA B 30 -21.79 10.95 -19.05
N THR B 31 -22.83 11.74 -19.35
CA THR B 31 -22.73 13.16 -19.62
C THR B 31 -23.11 14.01 -18.40
N ALA B 32 -23.53 13.38 -17.31
CA ALA B 32 -23.85 14.12 -16.10
C ALA B 32 -22.59 14.73 -15.49
N SER B 33 -22.79 15.58 -14.49
CA SER B 33 -21.67 16.27 -13.81
C SER B 33 -20.99 15.38 -12.76
N ASP B 35 -19.97 16.19 -9.87
CA ASP B 35 -20.49 16.37 -8.51
C ASP B 35 -21.85 15.69 -8.32
N GLU B 36 -22.69 15.68 -9.36
CA GLU B 36 -23.98 15.02 -9.26
C GLU B 36 -23.81 13.51 -9.14
N ILE B 37 -22.94 12.92 -9.96
CA ILE B 37 -22.65 11.49 -9.82
C ILE B 37 -21.99 11.21 -8.49
N PHE B 38 -21.21 12.17 -7.97
CA PHE B 38 -20.47 11.91 -6.74
C PHE B 38 -21.41 11.83 -5.53
N ALA B 39 -22.42 12.70 -5.44
CA ALA B 39 -23.31 12.64 -4.29
C ALA B 39 -24.16 11.37 -4.28
N ALA B 40 -24.45 10.81 -5.46
CA ALA B 40 -25.07 9.50 -5.52
C ALA B 40 -24.14 8.42 -4.98
N PHE B 41 -22.84 8.59 -5.22
CA PHE B 41 -21.83 7.68 -4.66
C PHE B 41 -21.77 7.81 -3.13
N GLN B 42 -21.70 9.05 -2.65
CA GLN B 42 -21.64 9.30 -1.21
C GLN B 42 -22.86 8.74 -0.49
N GLU B 43 -24.06 9.00 -1.03
CA GLU B 43 -25.29 8.65 -0.32
C GLU B 43 -25.54 7.13 -0.33
N ASP B 44 -25.22 6.45 -1.44
CA ASP B 44 -25.61 5.05 -1.63
C ASP B 44 -24.44 4.07 -1.63
N GLY B 45 -23.21 4.55 -1.72
CA GLY B 45 -22.07 3.68 -1.91
C GLY B 45 -21.81 3.24 -3.34
N CYS B 46 -22.79 3.38 -4.24
CA CYS B 46 -22.57 3.08 -5.65
C CYS B 46 -23.54 3.91 -6.47
N VAL B 47 -23.36 3.82 -7.78
CA VAL B 47 -24.12 4.60 -8.76
C VAL B 47 -23.77 3.98 -10.11
N VAL B 48 -24.70 4.02 -11.05
CA VAL B 48 -24.45 3.52 -12.40
C VAL B 48 -24.11 4.70 -13.28
N ILE B 49 -23.13 4.52 -14.16
CA ILE B 49 -22.80 5.49 -15.20
C ILE B 49 -23.15 4.82 -16.52
N GLU B 50 -24.35 5.10 -17.03
CA GLU B 50 -24.83 4.50 -18.28
C GLU B 50 -24.10 5.11 -19.46
N GLY B 51 -23.46 4.26 -20.26
CA GLY B 51 -22.62 4.72 -21.34
C GLY B 51 -21.25 5.23 -20.92
N PHE B 52 -20.60 4.56 -19.97
CA PHE B 52 -19.30 5.02 -19.48
C PHE B 52 -18.23 4.98 -20.58
N ILE B 53 -18.15 3.88 -21.33
CA ILE B 53 -17.31 3.78 -22.53
C ILE B 53 -18.20 3.85 -23.76
N SER B 54 -17.76 4.63 -24.77
CA SER B 54 -18.44 4.82 -26.06
C SER B 54 -18.93 3.50 -26.67
N PRO B 55 -19.78 3.54 -27.70
CA PRO B 55 -20.32 2.28 -28.24
C PRO B 55 -19.29 1.46 -29.00
N GLU B 56 -18.55 2.09 -29.92
CA GLU B 56 -17.54 1.34 -30.66
C GLU B 56 -16.32 1.06 -29.79
N GLN B 57 -16.07 1.92 -28.79
CA GLN B 57 -14.94 1.71 -27.89
C GLN B 57 -15.05 0.38 -27.16
N VAL B 58 -16.19 0.13 -26.51
CA VAL B 58 -16.42 -1.15 -25.86
C VAL B 58 -16.30 -2.31 -26.85
N ALA B 59 -16.82 -2.10 -28.07
CA ALA B 59 -16.77 -3.15 -29.09
C ALA B 59 -15.34 -3.45 -29.51
N ARG B 60 -14.61 -2.41 -29.92
CA ARG B 60 -13.21 -2.60 -30.28
C ARG B 60 -12.43 -3.24 -29.12
N PHE B 61 -12.78 -2.89 -27.87
CA PHE B 61 -12.09 -3.44 -26.71
C PHE B 61 -12.36 -4.94 -26.55
N SER B 62 -13.62 -5.37 -26.70
CA SER B 62 -13.95 -6.77 -26.44
C SER B 62 -13.28 -7.70 -27.44
N GLN B 63 -13.30 -7.35 -28.72
CA GLN B 63 -12.64 -8.20 -29.71
C GLN B 63 -11.15 -8.23 -29.48
N GLU B 64 -10.56 -7.10 -29.04
CA GLU B 64 -9.11 -7.01 -28.86
C GLU B 64 -8.58 -7.97 -27.78
N VAL B 65 -9.39 -8.22 -26.74
CA VAL B 65 -9.00 -9.15 -25.68
C VAL B 65 -9.63 -10.53 -25.86
N ASP B 66 -10.50 -10.72 -26.85
CA ASP B 66 -11.02 -12.06 -27.15
C ASP B 66 -9.91 -13.06 -27.44
N PRO B 67 -8.81 -12.73 -28.14
CA PRO B 67 -7.73 -13.74 -28.30
C PRO B 67 -7.10 -14.12 -26.98
N ALA B 68 -6.86 -13.13 -26.11
CA ALA B 68 -6.33 -13.45 -24.79
C ALA B 68 -7.35 -14.21 -23.96
N MET B 69 -8.63 -13.77 -23.98
CA MET B 69 -9.68 -14.49 -23.26
C MET B 69 -9.83 -15.92 -23.78
N GLU B 70 -9.60 -16.13 -25.07
CA GLU B 70 -9.77 -17.47 -25.64
C GLU B 70 -8.78 -18.47 -25.05
N LYS B 71 -7.56 -18.02 -24.71
CA LYS B 71 -6.51 -18.89 -24.21
C LYS B 71 -6.49 -18.99 -22.69
N ILE B 72 -7.65 -18.81 -22.05
CA ILE B 72 -7.80 -19.02 -20.61
C ILE B 72 -8.69 -20.24 -20.43
N PRO B 73 -8.16 -21.38 -19.98
CA PRO B 73 -9.01 -22.54 -19.69
C PRO B 73 -9.84 -22.30 -18.43
N VAL B 74 -11.00 -22.97 -18.37
CA VAL B 74 -11.99 -22.76 -17.31
C VAL B 74 -11.86 -23.87 -16.25
N GLU B 75 -11.88 -23.46 -14.98
CA GLU B 75 -11.96 -24.41 -13.87
C GLU B 75 -13.42 -24.82 -13.64
N VAL B 76 -13.62 -26.13 -13.45
CA VAL B 76 -14.92 -26.65 -13.01
C VAL B 76 -14.66 -27.31 -11.65
N THR B 77 -14.80 -26.53 -10.59
CA THR B 77 -14.53 -26.97 -9.23
C THR B 77 -15.78 -26.82 -8.36
N ASN B 79 -15.33 -25.62 -5.62
CA ASN B 79 -14.70 -25.50 -4.30
C ASN B 79 -15.01 -24.16 -3.62
N GLY B 80 -15.88 -23.35 -4.24
CA GLY B 80 -16.28 -22.08 -3.67
C GLY B 80 -15.33 -20.92 -3.89
N ASN B 81 -14.17 -21.14 -4.53
CA ASN B 81 -13.28 -20.05 -4.92
C ASN B 81 -13.93 -19.25 -6.04
N SER B 82 -13.48 -17.99 -6.18
CA SER B 82 -13.90 -17.06 -7.22
C SER B 82 -13.31 -17.40 -8.58
N ASN B 83 -12.63 -18.53 -8.71
CA ASN B 83 -12.14 -19.02 -9.99
C ASN B 83 -12.97 -20.18 -10.54
N ASP B 84 -14.06 -20.54 -9.87
CA ASP B 84 -14.94 -21.61 -10.34
C ASP B 84 -15.77 -21.06 -11.49
N ARG B 85 -15.42 -21.47 -12.72
CA ARG B 85 -16.16 -21.11 -13.94
C ARG B 85 -16.27 -19.59 -14.13
N THR B 86 -15.28 -18.84 -13.63
CA THR B 86 -15.16 -17.40 -13.84
C THR B 86 -13.73 -17.12 -14.30
N LYS B 87 -13.55 -16.60 -15.52
CA LYS B 87 -12.19 -16.41 -16.04
C LYS B 87 -11.79 -14.93 -15.99
N ARG B 88 -10.50 -14.70 -15.71
CA ARG B 88 -9.98 -13.38 -15.32
C ARG B 88 -8.65 -13.11 -16.02
N PHE B 89 -8.44 -11.85 -16.42
CA PHE B 89 -7.31 -11.48 -17.28
C PHE B 89 -7.04 -9.99 -17.11
N SER B 90 -5.77 -9.63 -16.86
CA SER B 90 -5.42 -8.28 -16.44
C SER B 90 -4.43 -7.52 -17.33
N LYS B 91 -3.90 -8.12 -18.40
CA LYS B 91 -2.95 -7.44 -19.27
C LYS B 91 -3.66 -6.61 -20.35
N CYS B 92 -4.58 -5.74 -19.90
CA CYS B 92 -5.40 -4.94 -20.80
C CYS B 92 -4.65 -3.80 -21.46
N VAL B 93 -3.59 -3.29 -20.83
CA VAL B 93 -2.81 -2.22 -21.47
C VAL B 93 -1.97 -2.79 -22.60
N ILE B 94 -1.39 -3.97 -22.39
CA ILE B 94 -0.64 -4.66 -23.44
C ILE B 94 -1.58 -5.04 -24.58
N ALA B 95 -2.65 -5.76 -24.28
CA ALA B 95 -3.44 -6.45 -25.29
C ALA B 95 -4.39 -5.55 -26.07
N SER B 96 -4.63 -4.33 -25.61
CA SER B 96 -5.72 -3.56 -26.20
C SER B 96 -5.33 -2.10 -26.38
N PRO B 97 -5.13 -1.65 -27.62
CA PRO B 97 -4.90 -0.22 -27.85
C PRO B 97 -6.05 0.65 -27.38
N THR B 98 -7.29 0.16 -27.51
CA THR B 98 -8.44 0.97 -27.14
C THR B 98 -8.43 1.28 -25.65
N PHE B 99 -8.05 0.30 -24.81
CA PHE B 99 -8.01 0.53 -23.36
C PHE B 99 -6.96 1.57 -23.00
N ARG B 100 -5.71 1.33 -23.41
CA ARG B 100 -4.60 2.19 -23.00
C ARG B 100 -4.70 3.58 -23.63
N ASN B 101 -5.24 3.68 -24.85
CA ASN B 101 -5.30 4.96 -25.56
C ASN B 101 -6.54 5.76 -25.25
N GLU B 102 -7.69 5.10 -25.07
CA GLU B 102 -8.97 5.79 -24.98
C GLU B 102 -9.65 5.63 -23.63
N ILE B 103 -9.83 4.39 -23.15
CA ILE B 103 -10.73 4.17 -22.01
C ILE B 103 -10.18 4.82 -20.74
N ILE B 104 -8.88 4.66 -20.49
CA ILE B 104 -8.26 5.09 -19.23
C ILE B 104 -8.06 6.60 -19.18
N GLU B 105 -8.43 7.32 -20.25
CA GLU B 105 -8.33 8.77 -20.26
C GLU B 105 -9.68 9.44 -20.16
N SER B 106 -10.66 8.77 -19.55
CA SER B 106 -11.95 9.39 -19.24
C SER B 106 -11.75 10.52 -18.23
N ASP B 107 -12.18 11.72 -18.60
CA ASP B 107 -12.05 12.84 -17.66
C ASP B 107 -13.06 12.73 -16.54
N LEU B 108 -14.21 12.09 -16.79
CA LEU B 108 -15.14 11.81 -15.69
C LEU B 108 -14.51 10.85 -14.70
N MET B 109 -13.77 9.86 -15.19
CA MET B 109 -13.05 8.95 -14.30
C MET B 109 -12.14 9.74 -13.37
N HIS B 110 -11.31 10.62 -13.94
CA HIS B 110 -10.37 11.36 -13.11
C HIS B 110 -11.07 12.40 -12.24
N GLU B 111 -12.02 13.15 -12.80
CA GLU B 111 -12.77 14.13 -12.00
C GLU B 111 -13.48 13.45 -10.83
N LEU B 112 -13.86 12.17 -10.99
CA LEU B 112 -14.45 11.40 -9.91
C LEU B 112 -13.41 10.94 -8.90
N CYS B 113 -12.30 10.36 -9.39
CA CYS B 113 -11.23 9.92 -8.51
C CYS B 113 -10.68 11.08 -7.69
N ASP B 114 -10.57 12.27 -8.29
CA ASP B 114 -10.03 13.41 -7.55
C ASP B 114 -10.96 13.81 -6.41
N ARG B 115 -12.26 13.55 -6.53
CA ARG B 115 -13.21 13.86 -5.46
C ARG B 115 -13.21 12.82 -4.37
N VAL B 116 -12.90 11.56 -4.71
CA VAL B 116 -12.82 10.50 -3.71
C VAL B 116 -11.49 10.57 -2.95
N PHE B 117 -10.39 10.87 -3.65
CA PHE B 117 -9.03 10.51 -3.23
C PHE B 117 -8.08 11.68 -3.01
N SER B 118 -8.11 12.70 -3.86
CA SER B 118 -7.07 13.71 -3.82
C SER B 118 -7.37 14.78 -2.78
N LYS B 119 -6.31 15.28 -2.15
CA LYS B 119 -6.41 16.41 -1.24
C LYS B 119 -5.82 17.65 -1.89
N PRO B 120 -6.37 18.83 -1.59
CA PRO B 120 -5.90 20.05 -2.27
C PRO B 120 -4.43 20.33 -1.96
N GLY B 121 -3.64 20.44 -3.03
CA GLY B 121 -2.23 20.74 -2.91
C GLY B 121 -1.30 19.57 -3.10
N GLU B 122 -1.83 18.35 -3.11
CA GLU B 122 -1.00 17.14 -3.16
C GLU B 122 -1.09 16.40 -4.48
N GLY B 123 -1.72 16.99 -5.48
CA GLY B 123 -1.87 16.27 -6.72
C GLY B 123 -2.73 15.03 -6.55
N MET B 124 -2.46 14.04 -7.41
CA MET B 124 -3.29 12.86 -7.56
C MET B 124 -3.14 11.92 -6.35
N GLY B 125 -4.21 11.78 -5.57
CA GLY B 125 -4.15 10.89 -4.43
C GLY B 125 -4.45 9.45 -4.77
N TYR B 126 -4.39 9.08 -6.06
CA TYR B 126 -4.86 7.77 -6.47
C TYR B 126 -4.01 7.21 -7.60
N HIS B 127 -4.18 5.92 -7.84
CA HIS B 127 -3.49 5.21 -8.92
C HIS B 127 -4.22 3.89 -9.14
N PHE B 128 -3.82 3.16 -10.16
CA PHE B 128 -4.54 1.94 -10.53
C PHE B 128 -4.09 0.77 -9.68
N ASN B 129 -5.08 -0.01 -9.21
CA ASN B 129 -4.85 -1.29 -8.56
C ASN B 129 -4.88 -2.47 -9.54
N ASP B 130 -5.82 -2.46 -10.49
CA ASP B 130 -5.98 -3.56 -11.43
C ASP B 130 -6.79 -3.06 -12.61
N ASN B 131 -6.63 -3.77 -13.73
CA ASN B 131 -7.45 -3.61 -14.94
C ASN B 131 -7.83 -5.04 -15.31
N MET B 132 -8.93 -5.54 -14.77
CA MET B 132 -9.31 -6.93 -14.97
C MET B 132 -10.47 -7.05 -15.94
N VAL B 133 -10.44 -8.08 -16.76
CA VAL B 133 -11.60 -8.54 -17.49
C VAL B 133 -12.09 -9.80 -16.81
N ILE B 134 -13.32 -9.76 -16.29
CA ILE B 134 -13.93 -10.89 -15.59
C ILE B 134 -15.07 -11.41 -16.46
N GLU B 135 -15.01 -12.69 -16.80
CA GLU B 135 -16.00 -13.32 -17.68
C GLU B 135 -16.59 -14.51 -16.93
N VAL B 136 -17.85 -14.37 -16.51
CA VAL B 136 -18.54 -15.41 -15.76
C VAL B 136 -19.06 -16.46 -16.73
N GLN B 137 -18.47 -17.65 -16.68
CA GLN B 137 -18.88 -18.72 -17.57
C GLN B 137 -20.24 -19.28 -17.15
N PRO B 138 -21.05 -19.74 -18.11
CA PRO B 138 -22.37 -20.28 -17.77
C PRO B 138 -22.30 -21.44 -16.78
N GLY B 139 -23.20 -21.39 -15.79
CA GLY B 139 -23.20 -22.36 -14.71
C GLY B 139 -22.31 -22.00 -13.54
N ALA B 140 -21.63 -20.86 -13.59
CA ALA B 140 -20.69 -20.49 -12.53
C ALA B 140 -21.49 -20.22 -11.27
N PRO B 141 -21.19 -20.91 -10.17
CA PRO B 141 -21.88 -20.60 -8.89
C PRO B 141 -21.76 -19.12 -8.52
N ALA B 142 -22.70 -18.61 -7.72
CA ALA B 142 -22.65 -17.22 -7.30
C ALA B 142 -21.41 -16.97 -6.46
N GLN B 143 -20.72 -15.87 -6.74
CA GLN B 143 -19.54 -15.50 -5.98
C GLN B 143 -19.94 -15.11 -4.56
N ARG B 144 -19.06 -15.44 -3.62
CA ARG B 144 -19.26 -15.07 -2.23
C ARG B 144 -19.50 -13.56 -2.10
N LEU B 145 -20.33 -13.17 -1.14
CA LEU B 145 -20.52 -11.76 -0.83
C LEU B 145 -19.31 -11.23 -0.09
N HIS B 146 -18.92 -9.99 -0.40
CA HIS B 146 -17.69 -9.42 0.13
C HIS B 146 -17.69 -7.93 -0.13
N ARG B 147 -16.84 -7.22 0.61
CA ARG B 147 -16.44 -5.86 0.28
C ARG B 147 -15.09 -5.93 -0.43
N ASP B 148 -14.93 -5.10 -1.47
CA ASP B 148 -13.65 -5.06 -2.19
C ASP B 148 -12.49 -4.72 -1.26
N GLN B 149 -12.75 -3.87 -0.26
CA GLN B 149 -11.70 -3.40 0.63
C GLN B 149 -11.21 -4.50 1.57
N GLU B 150 -11.84 -5.68 1.57
CA GLU B 150 -11.24 -6.83 2.23
C GLU B 150 -9.90 -7.17 1.62
N LEU B 151 -9.59 -6.61 0.45
CA LEU B 151 -8.26 -6.78 -0.12
C LEU B 151 -7.18 -6.17 0.77
N TYR B 152 -7.51 -5.08 1.47
CA TYR B 152 -6.68 -4.45 2.49
C TYR B 152 -7.23 -4.82 3.86
N PRO B 153 -6.75 -5.90 4.47
CA PRO B 153 -7.55 -6.59 5.51
C PRO B 153 -7.90 -5.77 6.75
N TRP B 154 -7.17 -4.70 7.09
CA TRP B 154 -7.50 -3.90 8.28
C TRP B 154 -8.63 -2.92 8.04
N TRP B 155 -9.03 -2.69 6.78
CA TRP B 155 -9.86 -1.53 6.47
C TRP B 155 -11.24 -1.65 7.09
N ASN B 156 -11.82 -2.86 7.07
CA ASN B 156 -13.14 -3.04 7.67
C ASN B 156 -13.15 -2.65 9.14
N SER B 157 -12.00 -2.77 9.81
CA SER B 157 -11.97 -2.43 11.23
C SER B 157 -12.24 -0.95 11.46
N MET B 158 -12.06 -0.10 10.45
CA MET B 158 -12.31 1.32 10.61
C MET B 158 -13.78 1.69 10.43
N GLY B 159 -14.63 0.73 10.05
CA GLY B 159 -16.05 0.98 9.93
C GLY B 159 -16.37 2.00 8.88
N PRO B 160 -17.61 2.52 8.90
CA PRO B 160 -18.04 3.47 7.86
C PRO B 160 -17.46 4.86 8.02
N ALA B 161 -16.86 5.15 9.17
CA ALA B 161 -16.17 6.43 9.37
C ALA B 161 -14.79 6.46 8.72
N GLY B 162 -14.24 5.30 8.36
CA GLY B 162 -12.93 5.24 7.77
C GLY B 162 -12.91 5.95 6.43
N PRO B 163 -11.71 6.30 5.97
CA PRO B 163 -11.59 6.92 4.64
C PRO B 163 -11.76 5.88 3.54
N GLU B 164 -11.96 6.36 2.32
CA GLU B 164 -12.06 5.44 1.20
C GLU B 164 -10.67 4.92 0.83
N CYS B 165 -10.54 3.60 0.65
CA CYS B 165 -9.30 3.04 0.11
C CYS B 165 -9.38 2.66 -1.35
N LEU B 166 -10.56 2.26 -1.82
CA LEU B 166 -10.71 1.59 -3.10
C LEU B 166 -12.05 1.97 -3.72
N ILE B 167 -12.06 2.15 -5.04
CA ILE B 167 -13.28 2.29 -5.82
C ILE B 167 -13.10 1.49 -7.09
N ASN B 168 -14.21 1.16 -7.72
CA ASN B 168 -14.22 0.24 -8.84
C ASN B 168 -15.19 0.76 -9.88
N PHE B 169 -14.69 1.08 -11.08
CA PHE B 169 -15.53 1.35 -12.25
C PHE B 169 -15.72 0.02 -12.95
N PHE B 170 -16.84 -0.65 -12.65
CA PHE B 170 -17.12 -2.02 -13.08
C PHE B 170 -18.02 -1.96 -14.30
N CYS B 171 -17.42 -2.19 -15.48
CA CYS B 171 -18.06 -1.94 -16.76
C CYS B 171 -18.51 -3.24 -17.41
N ALA B 172 -19.73 -3.24 -17.95
CA ALA B 172 -20.26 -4.41 -18.64
C ALA B 172 -19.69 -4.49 -20.06
N VAL B 173 -19.24 -5.68 -20.46
CA VAL B 173 -18.75 -5.92 -21.82
C VAL B 173 -19.83 -6.61 -22.64
N THR B 174 -20.17 -7.85 -22.28
CA THR B 174 -21.44 -8.40 -22.72
C THR B 174 -22.53 -7.90 -21.76
N PRO B 175 -23.81 -7.96 -22.15
CA PRO B 175 -24.86 -7.37 -21.31
C PRO B 175 -24.98 -8.03 -19.94
N PHE B 176 -25.43 -7.24 -18.96
CA PHE B 176 -25.59 -7.69 -17.57
C PHE B 176 -27.08 -7.96 -17.32
N THR B 177 -27.45 -9.23 -17.26
CA THR B 177 -28.81 -9.62 -16.97
C THR B 177 -28.88 -10.29 -15.60
N GLU B 178 -30.10 -10.53 -15.14
CA GLU B 178 -30.27 -11.37 -13.97
C GLU B 178 -30.05 -12.86 -14.30
N GLU B 179 -30.21 -13.24 -15.57
CA GLU B 179 -29.94 -14.61 -15.98
C GLU B 179 -28.45 -14.95 -15.86
N ASN B 180 -27.59 -14.24 -16.63
CA ASN B 180 -26.15 -14.53 -16.70
C ASN B 180 -25.38 -14.17 -15.40
N GLY B 181 -26.04 -13.76 -14.30
CA GLY B 181 -25.37 -13.48 -13.06
C GLY B 181 -24.64 -12.15 -12.97
N ALA B 182 -25.29 -11.06 -13.41
CA ALA B 182 -24.75 -9.72 -13.21
C ALA B 182 -24.47 -9.49 -11.72
N THR B 183 -23.69 -8.47 -11.36
CA THR B 183 -23.34 -8.30 -9.96
C THR B 183 -24.55 -7.87 -9.14
N ARG B 184 -24.83 -8.61 -8.08
CA ARG B 184 -25.89 -8.21 -7.15
C ARG B 184 -25.27 -7.25 -6.14
N LEU B 185 -25.68 -5.98 -6.18
CA LEU B 185 -25.17 -4.97 -5.28
C LEU B 185 -25.96 -4.96 -3.98
N VAL B 186 -25.43 -4.27 -2.97
CA VAL B 186 -26.16 -3.97 -1.74
C VAL B 186 -25.99 -2.50 -1.37
N PRO B 187 -26.70 -1.57 -2.02
CA PRO B 187 -26.52 -0.15 -1.70
C PRO B 187 -26.79 0.15 -0.24
N GLY B 188 -26.07 1.14 0.29
CA GLY B 188 -26.12 1.47 1.70
C GLY B 188 -25.33 0.54 2.61
N SER B 189 -24.67 -0.49 2.05
CA SER B 189 -23.80 -1.37 2.84
C SER B 189 -22.61 -0.61 3.39
N HIS B 190 -22.29 0.55 2.83
CA HIS B 190 -21.17 1.36 3.30
C HIS B 190 -21.51 2.17 4.54
N LEU B 191 -22.77 2.23 4.95
CA LEU B 191 -23.15 2.98 6.13
C LEU B 191 -23.46 2.09 7.33
N TRP B 192 -23.39 0.77 7.20
CA TRP B 192 -23.66 -0.10 8.35
C TRP B 192 -22.66 0.17 9.46
N PRO B 193 -23.05 -0.06 10.73
CA PRO B 193 -22.19 0.38 11.84
C PRO B 193 -20.95 -0.48 12.06
N GLU B 194 -21.02 -1.78 11.80
CA GLU B 194 -19.85 -2.66 11.85
C GLU B 194 -19.64 -3.26 10.46
N PHE B 195 -18.38 -3.31 10.04
CA PHE B 195 -17.99 -3.94 8.79
C PHE B 195 -17.36 -5.28 9.12
N THR B 196 -18.03 -6.36 8.74
CA THR B 196 -17.62 -7.72 9.04
C THR B 196 -17.39 -8.48 7.75
N GLN B 197 -16.72 -9.62 7.87
CA GLN B 197 -16.82 -10.62 6.81
C GLN B 197 -18.28 -11.04 6.68
N ILE B 198 -18.69 -11.35 5.45
CA ILE B 198 -20.10 -11.70 5.17
C ILE B 198 -20.16 -13.23 5.14
N ASN B 199 -20.29 -13.81 6.34
CA ASN B 199 -20.50 -15.25 6.48
C ASN B 199 -21.36 -15.49 7.71
N GLU B 200 -21.77 -16.75 7.87
CA GLU B 200 -22.76 -17.12 8.88
C GLU B 200 -22.21 -17.00 10.30
N ARG B 201 -20.89 -17.14 10.47
CA ARG B 201 -20.28 -17.02 11.80
C ARG B 201 -20.03 -15.56 12.18
N ASP B 202 -19.60 -14.73 11.23
CA ASP B 202 -19.20 -13.35 11.53
C ASP B 202 -20.26 -12.32 11.19
N CYS B 203 -21.13 -12.57 10.21
CA CYS B 203 -22.14 -11.58 9.85
C CYS B 203 -23.46 -11.89 10.56
N PRO B 204 -23.93 -11.00 11.44
CA PRO B 204 -25.26 -11.18 12.03
C PRO B 204 -26.38 -11.21 11.02
N GLN B 205 -26.28 -10.49 9.90
CA GLN B 205 -27.39 -10.37 8.96
C GLN B 205 -27.38 -11.42 7.85
N PHE B 206 -26.58 -12.49 7.99
CA PHE B 206 -26.32 -13.42 6.89
C PHE B 206 -27.60 -14.17 6.48
N GLY B 207 -27.97 -14.07 5.19
CA GLY B 207 -29.22 -14.61 4.69
C GLY B 207 -30.37 -13.64 4.65
N LYS B 208 -30.27 -12.51 5.35
CA LYS B 208 -31.23 -11.43 5.28
C LYS B 208 -30.68 -10.23 4.52
N ILE B 209 -29.48 -10.36 3.95
CA ILE B 209 -28.85 -9.26 3.23
C ILE B 209 -29.58 -9.06 1.90
N GLU B 210 -30.22 -7.90 1.73
CA GLU B 210 -31.04 -7.63 0.56
C GLU B 210 -30.18 -7.11 -0.59
N THR B 211 -30.08 -7.90 -1.66
CA THR B 211 -29.29 -7.49 -2.82
C THR B 211 -30.13 -6.75 -3.84
N VAL B 212 -29.44 -6.25 -4.86
CA VAL B 212 -30.03 -5.61 -6.03
C VAL B 212 -29.11 -5.97 -7.19
N PRO B 213 -29.55 -6.75 -8.18
CA PRO B 213 -28.69 -7.04 -9.33
C PRO B 213 -28.43 -5.82 -10.20
N ALA B 214 -27.23 -5.77 -10.77
CA ALA B 214 -26.80 -4.65 -11.60
C ALA B 214 -26.84 -4.99 -13.10
N MET B 216 -27.50 -3.74 -16.57
CA MET B 216 -26.60 -2.89 -17.36
C MET B 216 -26.31 -3.47 -18.77
N GLN B 217 -26.11 -2.59 -19.76
CA GLN B 217 -25.82 -2.96 -21.13
C GLN B 217 -24.35 -2.67 -21.46
N PRO B 218 -23.79 -3.26 -22.54
CA PRO B 218 -22.39 -3.00 -22.88
C PRO B 218 -22.05 -1.51 -22.89
N GLY B 219 -20.96 -1.17 -22.20
CA GLY B 219 -20.55 0.21 -22.03
C GLY B 219 -21.05 0.88 -20.78
N ASP B 220 -22.11 0.36 -20.15
CA ASP B 220 -22.49 0.89 -18.86
C ASP B 220 -21.45 0.46 -17.82
N CYS B 221 -21.35 1.25 -16.76
CA CYS B 221 -20.47 0.93 -15.64
C CYS B 221 -21.18 1.34 -14.37
N TYR B 222 -20.81 0.71 -13.27
CA TYR B 222 -21.18 1.21 -11.96
C TYR B 222 -19.91 1.53 -11.16
N LEU B 223 -19.96 2.65 -10.44
CA LEU B 223 -18.88 3.16 -9.61
C LEU B 223 -19.16 2.76 -8.17
N MET B 224 -18.65 1.60 -7.78
CA MET B 224 -18.89 1.06 -6.44
C MET B 224 -17.77 1.46 -5.48
N SER B 225 -18.15 1.84 -4.26
CA SER B 225 -17.17 2.08 -3.21
C SER B 225 -16.59 0.77 -2.70
N GLY B 226 -15.42 0.85 -2.08
CA GLY B 226 -14.86 -0.34 -1.49
C GLY B 226 -15.60 -0.84 -0.28
N LYS B 227 -16.54 -0.05 0.24
CA LYS B 227 -17.27 -0.36 1.46
C LYS B 227 -18.56 -1.15 1.20
N VAL B 228 -18.91 -1.38 -0.06
CA VAL B 228 -20.22 -1.88 -0.46
C VAL B 228 -20.19 -3.40 -0.62
N ILE B 229 -21.15 -4.08 0.00
CA ILE B 229 -21.26 -5.53 -0.17
C ILE B 229 -21.78 -5.82 -1.57
N HIS B 230 -21.29 -6.90 -2.15
CA HIS B 230 -21.60 -7.25 -3.53
C HIS B 230 -21.03 -8.63 -3.79
N GLY B 231 -21.24 -9.12 -5.02
CA GLY B 231 -20.75 -10.41 -5.45
C GLY B 231 -21.38 -10.82 -6.76
N ALA B 232 -20.65 -11.58 -7.57
CA ALA B 232 -21.26 -12.12 -8.79
C ALA B 232 -22.29 -13.17 -8.43
N GLY B 233 -23.40 -13.15 -9.15
CA GLY B 233 -24.41 -14.15 -8.97
C GLY B 233 -24.11 -15.41 -9.76
N HIS B 234 -25.01 -16.36 -9.64
CA HIS B 234 -24.95 -17.57 -10.43
C HIS B 234 -25.31 -17.26 -11.87
N ASN B 235 -24.49 -17.73 -12.80
CA ASN B 235 -24.81 -17.61 -14.22
C ASN B 235 -25.66 -18.82 -14.59
N ALA B 236 -26.97 -18.63 -14.66
CA ALA B 236 -27.92 -19.75 -14.75
C ALA B 236 -28.14 -20.24 -16.18
N THR B 237 -27.48 -19.64 -17.16
CA THR B 237 -27.77 -19.90 -18.57
C THR B 237 -26.89 -21.04 -19.12
N THR B 238 -27.00 -21.28 -20.43
CA THR B 238 -26.24 -22.31 -21.12
C THR B 238 -25.28 -21.74 -22.15
N THR B 239 -25.51 -20.52 -22.66
CA THR B 239 -24.70 -19.94 -23.72
C THR B 239 -23.96 -18.67 -23.34
N ASP B 240 -24.30 -18.01 -22.22
CA ASP B 240 -23.91 -16.62 -21.99
C ASP B 240 -22.57 -16.55 -21.26
N ARG B 241 -21.52 -16.16 -21.99
CA ARG B 241 -20.28 -15.69 -21.37
C ARG B 241 -20.48 -14.22 -21.01
N ARG B 242 -20.62 -13.96 -19.72
CA ARG B 242 -20.91 -12.62 -19.22
C ARG B 242 -19.59 -11.95 -18.82
N ARG B 243 -19.22 -10.91 -19.56
CA ARG B 243 -17.88 -10.36 -19.57
C ARG B 243 -17.90 -8.94 -19.01
N ALA B 244 -16.88 -8.60 -18.21
CA ALA B 244 -16.81 -7.28 -17.57
C ALA B 244 -15.38 -6.75 -17.59
N LEU B 245 -15.26 -5.44 -17.34
CA LEU B 245 -13.98 -4.75 -17.25
C LEU B 245 -13.95 -3.89 -15.98
N ALA B 246 -13.18 -4.34 -14.97
CA ALA B 246 -13.11 -3.66 -13.67
C ALA B 246 -11.92 -2.71 -13.65
N LEU B 247 -12.20 -1.41 -13.47
CA LEU B 247 -11.14 -0.40 -13.31
C LEU B 247 -10.96 -0.11 -11.83
N SER B 248 -10.19 -0.97 -11.15
CA SER B 248 -9.93 -0.82 -9.73
C SER B 248 -8.92 0.29 -9.48
N ILE B 249 -9.23 1.20 -8.56
CA ILE B 249 -8.45 2.41 -8.31
C ILE B 249 -8.33 2.63 -6.80
N ILE B 250 -7.10 2.77 -6.30
CA ILE B 250 -6.79 2.83 -4.88
C ILE B 250 -6.11 4.16 -4.59
N ARG B 251 -6.05 4.52 -3.30
CA ARG B 251 -5.28 5.71 -2.95
C ARG B 251 -3.77 5.46 -3.08
N ARG B 252 -3.03 6.56 -3.21
CA ARG B 252 -1.62 6.48 -3.58
C ARG B 252 -0.79 5.73 -2.54
N GLU B 253 -1.23 5.73 -1.28
CA GLU B 253 -0.51 5.09 -0.19
C GLU B 253 -0.62 3.57 -0.18
N LEU B 254 -1.46 2.99 -1.04
CA LEU B 254 -1.74 1.56 -1.05
C LEU B 254 -1.03 0.89 -2.23
N ARG B 255 -0.74 -0.39 -2.06
CA ARG B 255 0.06 -1.09 -3.04
C ARG B 255 -0.84 -1.75 -4.08
N PRO B 256 -0.52 -1.64 -5.37
CA PRO B 256 -1.37 -2.26 -6.39
C PRO B 256 -1.21 -3.76 -6.37
N MET B 257 -2.31 -4.47 -6.62
CA MET B 257 -2.22 -5.91 -6.74
C MET B 257 -1.53 -6.34 -8.05
N GLN B 258 -1.46 -5.47 -9.06
CA GLN B 258 -0.74 -5.76 -10.29
C GLN B 258 0.55 -4.94 -10.33
N ALA B 259 1.64 -5.58 -10.73
CA ALA B 259 2.93 -4.89 -10.85
C ALA B 259 3.08 -4.24 -12.22
N PHE B 260 2.22 -3.25 -12.51
CA PHE B 260 2.08 -2.76 -13.88
C PHE B 260 3.34 -2.07 -14.42
N SER B 261 4.13 -1.43 -13.55
CA SER B 261 5.33 -0.78 -14.06
C SER B 261 6.46 -1.76 -14.37
N LEU B 262 6.29 -3.05 -14.04
CA LEU B 262 7.25 -4.08 -14.40
C LEU B 262 6.79 -5.00 -15.54
N SER B 263 5.50 -5.01 -15.88
CA SER B 263 5.05 -5.81 -17.01
C SER B 263 4.64 -4.98 -18.22
N VAL B 264 4.00 -3.82 -18.03
CA VAL B 264 3.70 -2.89 -19.11
C VAL B 264 5.02 -2.42 -19.74
N PRO B 265 5.25 -2.62 -21.03
CA PRO B 265 6.53 -2.24 -21.65
C PRO B 265 6.75 -0.73 -21.67
N MET B 266 8.03 -0.34 -21.55
CA MET B 266 8.40 1.07 -21.61
C MET B 266 7.91 1.74 -22.90
N LYS B 267 7.84 0.99 -24.02
CA LYS B 267 7.31 1.58 -25.25
C LYS B 267 5.93 2.18 -25.03
N LEU B 268 5.06 1.47 -24.30
CA LEU B 268 3.71 1.96 -24.05
C LEU B 268 3.68 3.08 -23.00
N ALA B 269 4.58 3.04 -22.01
CA ALA B 269 4.60 4.09 -21.00
C ALA B 269 4.94 5.44 -21.60
N ARG B 270 5.76 5.46 -22.65
CA ARG B 270 6.14 6.71 -23.29
C ARG B 270 4.97 7.36 -24.04
N GLU B 271 3.95 6.57 -24.39
CA GLU B 271 2.77 7.08 -25.09
C GLU B 271 1.66 7.57 -24.15
N MET B 272 1.77 7.32 -22.84
CA MET B 272 0.78 7.73 -21.86
C MET B 272 1.03 9.16 -21.39
N SER B 273 -0.05 9.86 -21.05
CA SER B 273 0.07 11.17 -20.47
C SER B 273 0.67 11.08 -19.07
N GLU B 274 0.96 12.24 -18.49
CA GLU B 274 1.52 12.28 -17.15
C GLU B 274 0.58 11.63 -16.12
N ARG B 275 -0.74 11.94 -16.18
CA ARG B 275 -1.71 11.30 -15.30
C ARG B 275 -1.69 9.78 -15.44
N SER B 276 -1.65 9.28 -16.67
CA SER B 276 -1.70 7.83 -16.89
C SER B 276 -0.41 7.15 -16.48
N GLN B 277 0.71 7.84 -16.63
CA GLN B 277 1.95 7.31 -16.11
C GLN B 277 1.90 7.23 -14.60
N THR B 278 1.30 8.24 -13.95
CA THR B 278 1.15 8.20 -12.49
C THR B 278 0.23 7.06 -12.08
N MET B 279 -0.84 6.80 -12.84
CA MET B 279 -1.77 5.73 -12.54
C MET B 279 -1.08 4.37 -12.52
N PHE B 280 -0.08 4.17 -13.39
CA PHE B 280 0.60 2.89 -13.51
C PHE B 280 1.94 2.82 -12.79
N GLY B 281 2.34 3.87 -12.07
CA GLY B 281 3.57 3.79 -11.30
C GLY B 281 4.82 4.09 -12.08
N PHE B 282 4.70 4.63 -13.29
CA PHE B 282 5.85 5.09 -14.05
C PHE B 282 6.26 6.51 -13.67
N ARG B 283 5.46 7.17 -12.84
CA ARG B 283 5.69 8.54 -12.40
C ARG B 283 5.21 8.62 -10.96
N SER B 284 5.90 9.43 -10.16
CA SER B 284 5.60 9.53 -8.74
C SER B 284 4.52 10.58 -8.46
N SER B 285 4.03 10.58 -7.22
CA SER B 285 3.13 11.62 -6.73
C SER B 285 3.79 12.44 -5.62
N HIS B 295 7.60 12.29 -1.18
CA HIS B 295 6.76 11.74 -2.24
C HIS B 295 6.69 10.20 -2.16
N PHE B 296 5.58 9.61 -2.58
CA PHE B 296 5.45 8.15 -2.63
C PHE B 296 6.02 7.60 -3.93
N TRP B 297 6.59 6.40 -3.85
CA TRP B 297 7.04 5.69 -5.03
C TRP B 297 8.08 6.51 -5.81
N GLY B 298 8.97 7.19 -5.08
CA GLY B 298 9.99 8.01 -5.67
C GLY B 298 11.33 7.29 -5.84
N ASN B 299 12.38 8.09 -6.11
CA ASN B 299 13.74 7.60 -6.40
C ASN B 299 14.73 8.56 -5.73
N ASP B 300 14.95 8.35 -4.43
CA ASP B 300 15.92 9.12 -3.66
C ASP B 300 15.67 10.62 -3.83
N GLY B 301 14.53 11.06 -3.32
CA GLY B 301 14.19 12.46 -3.37
C GLY B 301 13.77 13.00 -4.73
N LYS B 302 13.79 12.18 -5.78
CA LYS B 302 13.40 12.62 -7.11
C LYS B 302 12.26 11.76 -7.62
N ASP B 303 11.51 12.30 -8.59
CA ASP B 303 10.49 11.55 -9.31
C ASP B 303 11.11 10.37 -10.03
N ILE B 304 10.51 9.18 -9.87
CA ILE B 304 10.99 7.99 -10.58
C ILE B 304 10.98 8.20 -12.08
N ALA B 305 10.24 9.21 -12.56
CA ALA B 305 10.12 9.41 -14.01
C ALA B 305 11.42 9.93 -14.61
N HIS B 306 12.18 10.73 -13.87
CA HIS B 306 13.51 11.12 -14.33
C HIS B 306 14.33 9.90 -14.71
N HIS B 307 14.58 9.01 -13.75
CA HIS B 307 15.44 7.87 -13.98
C HIS B 307 14.98 7.01 -15.16
N LEU B 308 13.68 7.00 -15.45
CA LEU B 308 13.13 6.16 -16.52
C LEU B 308 13.20 6.80 -17.91
N GLY B 309 13.63 8.06 -18.00
CA GLY B 309 13.73 8.74 -19.29
C GLY B 309 12.42 9.35 -19.78
N LEU B 310 11.63 9.93 -18.88
CA LEU B 310 10.27 10.37 -19.18
C LEU B 310 10.02 11.85 -18.94
N ILE B 311 10.99 12.59 -18.41
CA ILE B 311 10.79 14.00 -18.12
C ILE B 311 11.76 14.83 -18.96
N SER B 312 11.20 15.79 -19.72
CA SER B 312 11.95 16.80 -20.51
C SER B 312 13.23 16.31 -21.18
FE FE C . 10.44 8.84 12.30
C1 AKG D . 12.45 10.06 10.72
O1 AKG D . 11.28 9.63 10.55
O2 AKG D . 13.11 10.65 9.81
C2 AKG D . 13.08 9.87 12.10
O5 AKG D . 12.43 9.57 13.04
C3 AKG D . 14.56 10.12 12.23
C4 AKG D . 14.96 10.00 13.68
C5 AKG D . 16.46 10.16 13.72
O3 AKG D . 17.08 10.09 14.81
O4 AKG D . 17.12 10.39 12.65
C10 8T9 E . 8.07 10.21 5.94
C13 8T9 E . 7.74 11.79 7.79
C15 8T9 E . 10.16 12.62 7.57
C17 8T9 E . 9.29 11.86 9.74
C20 8T9 E . 10.03 8.02 8.31
C21 8T9 E . 10.19 5.77 8.01
C22 8T9 E . 9.43 6.83 8.39
C24 8T9 E . 12.85 6.99 8.32
C26 8T9 E . 11.82 15.59 5.35
C01 8T9 E . 10.99 8.28 7.19
C02 8T9 E . 9.98 8.60 6.12
C03 8T9 E . 11.84 9.53 7.43
C04 8T9 E . 11.91 10.45 6.27
C05 8T9 E . 10.55 10.89 5.68
C06 8T9 E . 9.53 9.88 6.09
C07 8T9 E . 10.13 12.35 6.06
C08 8T9 E . 8.70 12.52 5.62
C09 8T9 E . 7.70 11.67 6.28
C11 8T9 E . 10.65 10.73 4.15
C12 8T9 E . 8.37 13.27 4.55
O01 8T9 E . 6.84 11.30 8.45
C14 8T9 E . 8.90 12.54 8.43
O02 8T9 E . 11.20 12.96 8.09
C16 8T9 E . 6.27 12.02 5.87
O03 8T9 E . 8.49 13.83 8.81
C18 8T9 E . 9.49 7.59 5.09
C19 8T9 E . 11.93 7.05 7.11
O04 8T9 E . 11.18 5.86 7.09
O05 8T9 E . 9.99 4.69 8.53
C23 8T9 E . 12.84 7.04 5.88
C25 8T9 E . 11.05 13.46 5.50
O06 8T9 E . 11.93 13.26 4.66
O07 8T9 E . 10.93 14.71 5.99
FE FE F . -15.77 -7.53 -5.71
C1 AKG G . -14.88 -9.21 -7.84
O1 AKG G . -14.26 -10.15 -8.39
O2 AKG G . -14.46 -8.66 -6.79
C2 AKG G . -16.18 -8.71 -8.42
O5 AKG G . -16.65 -7.68 -8.07
C3 AKG G . -16.83 -9.58 -9.49
C4 AKG G . -18.27 -9.16 -9.73
C5 AKG G . -18.76 -9.96 -10.94
O3 AKG G . -19.99 -10.02 -11.19
O4 AKG G . -17.91 -10.55 -11.67
C10 8T9 H . -9.09 -9.54 -4.82
C13 8T9 H . -10.95 -10.74 -3.71
C15 8T9 H . -11.52 -11.87 -5.95
C17 8T9 H . -13.20 -10.56 -4.70
C20 8T9 H . -11.68 -7.51 -6.35
C21 8T9 H . -11.21 -5.29 -6.71
C22 8T9 H . -11.60 -6.26 -5.85
C24 8T9 H . -12.36 -6.76 -9.22
C26 8T9 H . -8.85 -15.32 -7.14
C01 8T9 H . -10.86 -7.92 -7.54
C02 8T9 H . -9.53 -8.25 -6.93
C03 8T9 H . -11.42 -9.21 -8.15
C04 8T9 H . -10.43 -10.28 -8.34
C05 8T9 H . -9.56 -10.68 -7.13
C06 8T9 H . -9.45 -9.44 -6.29
C07 8T9 H . -10.03 -11.93 -6.31
C08 8T9 H . -9.22 -11.93 -5.03
C09 8T9 H . -9.48 -10.82 -4.09
C11 8T9 H . -8.13 -10.91 -7.65
C12 8T9 H . -8.20 -12.76 -4.79
O01 8T9 H . -11.27 -10.08 -2.73
C14 8T9 H . -11.98 -11.47 -4.55
O02 8T9 H . -12.37 -12.17 -6.77
C16 8T9 H . -8.69 -11.02 -2.79
O03 8T9 H . -12.48 -12.59 -3.86
C18 8T9 H . -8.42 -7.25 -6.71
C19 8T9 H . -10.98 -6.77 -8.57
O04 8T9 H . -10.80 -5.49 -7.99
O05 8T9 H . -11.23 -4.15 -6.29
C23 8T9 H . -10.00 -6.93 -9.72
C25 8T9 H . -9.84 -13.25 -7.09
O06 8T9 H . -9.87 -13.27 -8.30
O07 8T9 H . -9.71 -14.44 -6.45
#